data_4BLG
#
_entry.id   4BLG
#
_cell.length_a   88.575
_cell.length_b   61.680
_cell.length_c   63.678
_cell.angle_alpha   90.00
_cell.angle_beta   99.36
_cell.angle_gamma   90.00
#
_symmetry.space_group_name_H-M   'C 1 2 1'
#
loop_
_entity.id
_entity.type
_entity.pdbx_description
1 polymer 'LATENCY-ASSOCIATED NUCLEAR ANTIGEN'
2 non-polymer 'PHOSPHATE ION'
3 water water
#
_entity_poly.entity_id   1
_entity_poly.type   'polypeptide(L)'
_entity_poly.pdbx_seq_one_letter_code
;GPGYQKDPPKKYQGMRRHLQVTAPRLFDPEGHPPTHFKSAVMFSSTHPYTLNKLHKCIQSKHVLSTPVSCLPLVPGTTQQ
CVTYYLLSFVEDKKQAKKLKRVVLAYCEKYHSSVEGTIVKAKPYFPLPEPPTEPPTDPEQP
;
_entity_poly.pdbx_strand_id   A,B
#
loop_
_chem_comp.id
_chem_comp.type
_chem_comp.name
_chem_comp.formula
PO4 non-polymer 'PHOSPHATE ION' 'O4 P -3'
#
# COMPACT_ATOMS: atom_id res chain seq x y z
N LYS A 10 1.41 17.44 21.98
CA LYS A 10 1.62 17.93 20.62
C LYS A 10 0.31 18.12 19.87
N LYS A 11 0.40 18.01 18.55
CA LYS A 11 -0.76 18.22 17.69
C LYS A 11 -1.45 16.91 17.42
N TYR A 12 -2.78 16.97 17.39
CA TYR A 12 -3.60 15.79 17.25
C TYR A 12 -3.45 14.96 18.52
N GLN A 13 -3.11 15.65 19.60
CA GLN A 13 -3.05 15.04 20.92
C GLN A 13 -4.36 14.35 21.21
N GLY A 14 -5.48 14.97 20.80
CA GLY A 14 -6.79 14.40 21.03
C GLY A 14 -6.95 13.03 20.40
N MET A 15 -6.79 12.94 19.09
CA MET A 15 -6.93 11.64 18.45
C MET A 15 -5.93 10.63 19.01
N ARG A 16 -4.71 11.08 19.30
CA ARG A 16 -3.68 10.17 19.82
C ARG A 16 -4.11 9.54 21.14
N ARG A 17 -4.57 10.38 22.06
CA ARG A 17 -4.92 9.92 23.38
C ARG A 17 -6.10 8.98 23.24
N HIS A 18 -7.02 9.32 22.34
CA HIS A 18 -8.20 8.51 22.14
C HIS A 18 -7.76 7.09 21.79
N LEU A 19 -6.92 6.98 20.77
CA LEU A 19 -6.48 5.68 20.28
C LEU A 19 -5.79 4.86 21.36
N GLN A 20 -4.95 5.50 22.16
CA GLN A 20 -4.21 4.76 23.20
C GLN A 20 -5.10 4.30 24.34
N VAL A 21 -6.14 5.06 24.66
CA VAL A 21 -7.04 4.64 25.73
C VAL A 21 -7.93 3.52 25.21
N THR A 22 -8.34 3.66 23.96
CA THR A 22 -9.31 2.75 23.37
C THR A 22 -8.68 1.38 23.08
N ALA A 23 -7.42 1.39 22.68
CA ALA A 23 -6.71 0.14 22.38
C ALA A 23 -5.27 0.22 22.87
N PRO A 24 -5.06 0.04 24.18
CA PRO A 24 -3.78 0.24 24.86
C PRO A 24 -2.62 -0.60 24.32
N ARG A 25 -2.82 -1.92 24.16
CA ARG A 25 -1.75 -2.77 23.65
C ARG A 25 -1.36 -2.38 22.24
N LEU A 26 -2.36 -2.25 21.36
CA LEU A 26 -2.11 -1.90 19.97
C LEU A 26 -1.35 -0.59 19.84
N PHE A 27 -1.71 0.42 20.63
CA PHE A 27 -1.12 1.75 20.49
C PHE A 27 -0.11 2.13 21.55
N ASP A 28 0.26 1.16 22.39
CA ASP A 28 1.34 1.35 23.33
C ASP A 28 2.56 1.90 22.60
N PRO A 29 3.06 3.08 23.02
CA PRO A 29 4.23 3.66 22.35
C PRO A 29 5.53 2.98 22.77
N GLU A 30 5.46 2.13 23.80
CA GLU A 30 6.60 1.32 24.20
C GLU A 30 6.25 -0.16 24.04
N GLY A 31 7.25 -1.02 24.22
CA GLY A 31 7.10 -2.44 23.95
C GLY A 31 7.92 -2.83 22.72
N HIS A 32 7.62 -3.99 22.16
CA HIS A 32 8.38 -4.53 21.04
C HIS A 32 7.51 -4.72 19.81
N PRO A 33 8.01 -4.30 18.63
CA PRO A 33 7.21 -4.52 17.43
C PRO A 33 7.09 -6.01 17.18
N PRO A 34 6.06 -6.42 16.43
CA PRO A 34 5.98 -7.84 16.14
C PRO A 34 7.11 -8.24 15.20
N THR A 35 7.33 -9.54 15.07
CA THR A 35 8.44 -10.03 14.27
C THR A 35 8.16 -9.80 12.80
N HIS A 36 6.90 -9.98 12.40
CA HIS A 36 6.48 -9.77 11.02
C HIS A 36 5.14 -9.06 10.97
N PHE A 37 4.95 -8.28 9.92
CA PHE A 37 3.69 -7.57 9.69
C PHE A 37 2.96 -8.20 8.52
N LYS A 38 2.02 -9.09 8.82
CA LYS A 38 1.30 -9.82 7.77
C LYS A 38 0.10 -9.05 7.23
N SER A 39 -0.35 -8.04 7.96
CA SER A 39 -1.53 -7.29 7.56
C SER A 39 -1.37 -5.79 7.65
N ALA A 40 -2.37 -5.09 7.11
CA ALA A 40 -2.40 -3.65 7.20
C ALA A 40 -3.83 -3.18 7.01
N VAL A 41 -4.06 -1.92 7.32
CA VAL A 41 -5.29 -1.28 6.90
C VAL A 41 -4.92 -0.14 5.98
N MET A 42 -5.51 -0.13 4.80
CA MET A 42 -5.43 1.02 3.93
C MET A 42 -6.53 2.00 4.32
N PHE A 43 -6.12 3.19 4.77
CA PHE A 43 -7.07 4.25 5.04
C PHE A 43 -6.99 5.21 3.87
N SER A 44 -8.13 5.54 3.28
CA SER A 44 -8.18 6.37 2.09
C SER A 44 -9.23 7.47 2.20
N SER A 45 -9.06 8.50 1.37
CA SER A 45 -9.91 9.66 1.44
C SER A 45 -9.48 10.66 0.37
N THR A 46 -10.42 11.47 -0.10
CA THR A 46 -10.10 12.51 -1.09
C THR A 46 -9.53 13.76 -0.42
N HIS A 47 -9.48 13.73 0.91
CA HIS A 47 -8.96 14.85 1.69
C HIS A 47 -7.56 14.54 2.23
N PRO A 48 -6.52 15.12 1.61
CA PRO A 48 -5.16 14.74 2.03
C PRO A 48 -4.79 15.24 3.43
N TYR A 49 -5.43 16.31 3.87
CA TYR A 49 -5.09 16.93 5.16
C TYR A 49 -5.49 16.01 6.31
N THR A 50 -6.66 15.41 6.17
CA THR A 50 -7.15 14.42 7.10
C THR A 50 -6.20 13.22 7.18
N LEU A 51 -5.76 12.71 6.03
CA LEU A 51 -4.83 11.59 6.05
C LEU A 51 -3.47 11.98 6.64
N ASN A 52 -3.03 13.23 6.49
CA ASN A 52 -1.83 13.66 7.20
C ASN A 52 -2.05 13.53 8.70
N LYS A 53 -3.22 13.92 9.18
CA LYS A 53 -3.55 13.71 10.59
C LYS A 53 -3.38 12.24 10.97
N LEU A 54 -4.01 11.34 10.22
CA LEU A 54 -3.99 9.92 10.54
C LEU A 54 -2.56 9.40 10.52
N HIS A 55 -1.76 9.98 9.63
CA HIS A 55 -0.38 9.55 9.49
C HIS A 55 0.42 9.84 10.75
N LYS A 56 0.27 11.04 11.30
CA LYS A 56 1.00 11.35 12.54
C LYS A 56 0.40 10.56 13.71
N CYS A 57 -0.90 10.24 13.66
CA CYS A 57 -1.57 9.58 14.77
C CYS A 57 -1.51 8.05 14.83
N ILE A 58 -1.64 7.37 13.69
CA ILE A 58 -1.67 5.91 13.67
C ILE A 58 -0.25 5.37 13.63
N GLN A 59 0.43 5.51 14.76
CA GLN A 59 1.82 5.12 14.93
C GLN A 59 2.02 4.59 16.35
N SER A 60 2.78 3.51 16.46
CA SER A 60 3.15 2.96 17.75
C SER A 60 4.16 1.85 17.53
N LYS A 61 4.41 1.06 18.56
CA LYS A 61 5.33 -0.06 18.45
C LYS A 61 4.71 -1.20 17.64
N HIS A 62 3.38 -1.23 17.57
CA HIS A 62 2.71 -2.34 16.91
C HIS A 62 1.91 -1.93 15.67
N VAL A 63 1.92 -0.62 15.38
CA VAL A 63 1.24 -0.09 14.21
C VAL A 63 2.18 0.90 13.56
N LEU A 64 2.54 0.66 12.31
CA LEU A 64 3.42 1.57 11.59
C LEU A 64 2.72 2.04 10.33
N SER A 65 2.69 3.35 10.12
CA SER A 65 2.01 3.89 8.95
C SER A 65 2.94 4.61 8.00
N THR A 66 2.68 4.40 6.72
CA THR A 66 3.38 5.07 5.65
C THR A 66 2.99 6.53 5.61
N PRO A 67 3.78 7.36 4.91
CA PRO A 67 3.29 8.70 4.60
C PRO A 67 2.07 8.61 3.69
N VAL A 68 1.41 9.75 3.48
CA VAL A 68 0.26 9.79 2.60
C VAL A 68 0.75 9.75 1.15
N SER A 69 0.15 8.89 0.34
CA SER A 69 0.38 8.91 -1.12
C SER A 69 -0.96 8.98 -1.87
N CYS A 70 -0.93 8.72 -3.17
CA CYS A 70 -2.12 8.82 -4.03
C CYS A 70 -2.42 7.47 -4.66
N LEU A 71 -3.71 7.16 -4.82
CA LEU A 71 -4.08 6.02 -5.63
C LEU A 71 -4.11 6.43 -7.10
N PRO A 72 -3.84 5.47 -8.00
CA PRO A 72 -3.93 5.84 -9.42
C PRO A 72 -5.38 5.98 -9.86
N LEU A 73 -5.63 6.88 -10.79
CA LEU A 73 -6.95 7.03 -11.39
C LEU A 73 -7.30 5.81 -12.22
N VAL A 74 -8.59 5.47 -12.21
CA VAL A 74 -9.08 4.36 -13.01
C VAL A 74 -9.62 4.89 -14.34
N PRO A 75 -9.01 4.46 -15.44
CA PRO A 75 -9.42 4.91 -16.78
C PRO A 75 -10.91 4.77 -17.02
N GLY A 76 -11.54 5.80 -17.55
CA GLY A 76 -12.94 5.73 -17.94
C GLY A 76 -13.90 5.67 -16.77
N THR A 77 -13.79 6.65 -15.87
CA THR A 77 -14.69 6.74 -14.73
C THR A 77 -15.01 8.21 -14.46
N THR A 78 -15.84 8.45 -13.46
CA THR A 78 -16.40 9.76 -13.23
C THR A 78 -16.03 10.30 -11.85
N GLN A 79 -14.74 10.54 -11.62
CA GLN A 79 -14.29 11.08 -10.33
C GLN A 79 -13.55 12.41 -10.49
N GLN A 80 -12.55 12.44 -11.36
CA GLN A 80 -11.69 13.62 -11.50
C GLN A 80 -11.26 14.16 -10.14
N CYS A 81 -11.20 13.27 -9.17
CA CYS A 81 -10.77 13.64 -7.85
C CYS A 81 -9.79 12.58 -7.42
N VAL A 82 -8.59 12.97 -7.09
CA VAL A 82 -7.63 11.99 -6.65
C VAL A 82 -8.09 11.45 -5.30
N THR A 83 -7.79 10.19 -5.07
CA THR A 83 -8.04 9.56 -3.79
C THR A 83 -6.69 9.28 -3.16
N TYR A 84 -6.47 9.84 -1.98
CA TYR A 84 -5.24 9.61 -1.24
C TYR A 84 -5.38 8.41 -0.32
N TYR A 85 -4.24 7.87 0.13
CA TYR A 85 -4.26 6.70 1.01
C TYR A 85 -3.01 6.65 1.86
N LEU A 86 -3.06 5.82 2.89
CA LEU A 86 -1.85 5.42 3.60
C LEU A 86 -2.10 4.01 4.08
N LEU A 87 -1.01 3.33 4.44
CA LEU A 87 -1.06 1.98 4.93
C LEU A 87 -0.59 1.96 6.37
N SER A 88 -1.31 1.24 7.21
CA SER A 88 -0.93 1.09 8.61
C SER A 88 -0.70 -0.38 8.82
N PHE A 89 0.57 -0.74 9.01
CA PHE A 89 0.95 -2.15 9.11
C PHE A 89 0.80 -2.66 10.54
N VAL A 90 0.31 -3.90 10.66
CA VAL A 90 0.13 -4.57 11.95
C VAL A 90 0.49 -6.04 11.80
N GLU A 91 0.58 -6.71 12.95
CA GLU A 91 1.03 -8.09 12.98
C GLU A 91 0.20 -9.02 12.07
N ASP A 92 -1.13 -8.92 12.16
CA ASP A 92 -1.99 -9.94 11.57
C ASP A 92 -3.44 -9.49 11.39
N LYS A 93 -4.29 -10.44 10.98
CA LYS A 93 -5.69 -10.19 10.64
C LYS A 93 -6.48 -9.72 11.88
N LYS A 94 -6.17 -10.29 13.04
CA LYS A 94 -6.82 -9.88 14.29
C LYS A 94 -6.54 -8.40 14.56
N GLN A 95 -5.26 -8.04 14.57
CA GLN A 95 -4.87 -6.67 14.86
C GLN A 95 -5.38 -5.70 13.80
N ALA A 96 -5.50 -6.14 12.56
CA ALA A 96 -6.00 -5.26 11.50
C ALA A 96 -7.50 -5.00 11.70
N LYS A 97 -8.23 -6.02 12.11
CA LYS A 97 -9.67 -5.90 12.34
C LYS A 97 -9.87 -4.86 13.45
N LYS A 98 -9.09 -5.01 14.52
CA LYS A 98 -9.16 -4.12 15.70
C LYS A 98 -8.83 -2.66 15.31
N LEU A 99 -7.74 -2.50 14.57
CA LEU A 99 -7.24 -1.18 14.20
C LEU A 99 -8.29 -0.46 13.38
N LYS A 100 -8.88 -1.19 12.44
CA LYS A 100 -9.87 -0.61 11.56
C LYS A 100 -11.09 -0.15 12.36
N ARG A 101 -11.51 -1.00 13.29
CA ARG A 101 -12.69 -0.72 14.11
C ARG A 101 -12.51 0.56 14.91
N VAL A 102 -11.36 0.69 15.55
CA VAL A 102 -11.10 1.83 16.44
C VAL A 102 -11.00 3.13 15.65
N VAL A 103 -10.17 3.10 14.61
CA VAL A 103 -9.93 4.30 13.82
C VAL A 103 -11.24 4.78 13.22
N LEU A 104 -12.04 3.88 12.68
CA LEU A 104 -13.27 4.26 11.98
C LEU A 104 -14.41 4.63 12.93
N ALA A 105 -14.40 4.13 14.15
CA ALA A 105 -15.36 4.64 15.14
C ALA A 105 -15.10 6.12 15.36
N TYR A 106 -13.85 6.48 15.57
CA TYR A 106 -13.51 7.91 15.70
C TYR A 106 -13.91 8.72 14.43
N CYS A 107 -13.46 8.26 13.26
CA CYS A 107 -13.66 9.01 12.01
C CYS A 107 -15.11 9.11 11.59
N GLU A 108 -15.91 8.13 12.01
CA GLU A 108 -17.33 8.11 11.68
C GLU A 108 -18.01 9.37 12.22
N LYS A 109 -17.46 9.93 13.30
CA LYS A 109 -18.00 11.15 13.89
C LYS A 109 -17.24 12.38 13.38
N TYR A 110 -15.93 12.26 13.31
CA TYR A 110 -15.08 13.44 13.06
C TYR A 110 -14.40 13.51 11.69
N HIS A 111 -14.48 12.43 10.91
CA HIS A 111 -13.85 12.40 9.59
C HIS A 111 -14.58 11.45 8.67
N SER A 112 -15.79 11.81 8.29
CA SER A 112 -16.65 10.95 7.50
C SER A 112 -16.10 10.63 6.11
N SER A 113 -15.10 11.39 5.67
CA SER A 113 -14.48 11.13 4.36
C SER A 113 -13.58 9.90 4.36
N VAL A 114 -13.24 9.38 5.53
CA VAL A 114 -12.21 8.35 5.63
C VAL A 114 -12.80 6.95 5.49
N GLU A 115 -12.15 6.13 4.66
CA GLU A 115 -12.51 4.72 4.52
C GLU A 115 -11.34 3.84 4.95
N GLY A 116 -11.65 2.61 5.34
CA GLY A 116 -10.66 1.66 5.79
C GLY A 116 -10.85 0.33 5.08
N THR A 117 -9.74 -0.28 4.67
CA THR A 117 -9.77 -1.52 3.91
C THR A 117 -8.74 -2.49 4.48
N ILE A 118 -9.18 -3.67 4.89
CA ILE A 118 -8.25 -4.69 5.36
C ILE A 118 -7.42 -5.27 4.20
N VAL A 119 -6.11 -5.36 4.43
CA VAL A 119 -5.17 -5.85 3.44
C VAL A 119 -4.28 -6.91 4.08
N LYS A 120 -3.84 -7.87 3.28
CA LYS A 120 -3.06 -9.01 3.76
C LYS A 120 -1.91 -9.22 2.76
N ALA A 121 -0.73 -9.59 3.25
CA ALA A 121 0.43 -9.87 2.38
C ALA A 121 0.92 -11.29 2.57
N LYS A 122 1.36 -11.92 1.47
CA LYS A 122 1.84 -13.30 1.50
C LYS A 122 3.35 -13.20 1.22
N PRO A 123 4.22 -13.63 2.15
CA PRO A 123 3.97 -14.15 3.50
C PRO A 123 3.77 -13.04 4.55
N TYR A 124 4.32 -11.86 4.27
CA TYR A 124 4.15 -10.69 5.12
C TYR A 124 4.72 -9.51 4.35
N PHE A 125 4.51 -8.31 4.85
CA PHE A 125 4.99 -7.14 4.14
C PHE A 125 6.50 -7.03 4.28
N PRO A 126 7.16 -6.43 3.26
CA PRO A 126 8.62 -6.39 3.19
C PRO A 126 9.25 -5.35 4.12
N LEU A 127 8.93 -5.43 5.41
CA LEU A 127 9.62 -4.64 6.41
C LEU A 127 10.67 -5.52 7.11
N PRO A 128 11.80 -4.93 7.48
CA PRO A 128 12.90 -5.66 8.11
C PRO A 128 12.51 -6.40 9.39
N GLU A 129 13.44 -7.22 9.86
CA GLU A 129 13.22 -8.06 11.03
C GLU A 129 14.30 -7.74 12.06
N PRO A 130 13.92 -7.66 13.35
CA PRO A 130 14.91 -7.42 14.41
C PRO A 130 15.53 -8.70 14.95
N LYS B 11 10.62 6.89 -23.15
CA LYS B 11 11.23 6.77 -21.84
C LYS B 11 10.93 5.41 -21.20
N TYR B 12 11.92 4.52 -21.05
CA TYR B 12 11.59 3.21 -20.54
C TYR B 12 10.85 2.46 -21.59
N GLN B 13 11.03 2.85 -22.83
CA GLN B 13 10.51 2.09 -23.93
C GLN B 13 10.90 0.64 -23.79
N GLY B 14 12.13 0.37 -23.39
CA GLY B 14 12.57 -1.00 -23.25
C GLY B 14 11.66 -1.84 -22.40
N MET B 15 11.54 -1.49 -21.12
CA MET B 15 10.73 -2.27 -20.22
C MET B 15 9.28 -2.31 -20.68
N ARG B 16 8.78 -1.18 -21.18
CA ARG B 16 7.38 -1.10 -21.57
C ARG B 16 7.08 -2.12 -22.64
N ARG B 17 7.95 -2.17 -23.65
CA ARG B 17 7.73 -3.04 -24.77
C ARG B 17 7.87 -4.50 -24.33
N HIS B 18 8.83 -4.75 -23.46
CA HIS B 18 9.04 -6.10 -22.94
C HIS B 18 7.77 -6.63 -22.30
N LEU B 19 7.15 -5.82 -21.44
CA LEU B 19 5.96 -6.23 -20.72
C LEU B 19 4.79 -6.43 -21.67
N GLN B 20 4.61 -5.52 -22.62
CA GLN B 20 3.53 -5.63 -23.60
C GLN B 20 3.63 -6.92 -24.38
N VAL B 21 4.85 -7.37 -24.66
CA VAL B 21 5.04 -8.62 -25.37
C VAL B 21 4.87 -9.85 -24.47
N THR B 22 5.39 -9.78 -23.25
CA THR B 22 5.42 -10.95 -22.39
C THR B 22 4.05 -11.22 -21.78
N ALA B 23 3.25 -10.16 -21.65
CA ALA B 23 1.93 -10.27 -21.05
C ALA B 23 0.96 -9.32 -21.74
N PRO B 24 0.65 -9.58 -23.02
CA PRO B 24 -0.10 -8.63 -23.86
C PRO B 24 -1.48 -8.27 -23.31
N ARG B 25 -2.10 -9.20 -22.61
CA ARG B 25 -3.46 -9.01 -22.11
C ARG B 25 -3.42 -8.11 -20.87
N LEU B 26 -2.55 -8.45 -19.94
CA LEU B 26 -2.38 -7.68 -18.73
C LEU B 26 -1.93 -6.24 -19.03
N PHE B 27 -1.15 -6.05 -20.09
CA PHE B 27 -0.62 -4.72 -20.40
C PHE B 27 -1.21 -4.07 -21.62
N ASP B 28 -2.30 -4.63 -22.13
CA ASP B 28 -3.03 -3.98 -23.20
C ASP B 28 -3.37 -2.57 -22.74
N PRO B 29 -2.78 -1.55 -23.39
CA PRO B 29 -3.16 -0.18 -23.01
C PRO B 29 -4.56 0.17 -23.50
N GLU B 30 -5.17 -0.76 -24.22
CA GLU B 30 -6.52 -0.59 -24.74
C GLU B 30 -7.42 -1.67 -24.18
N GLY B 31 -8.73 -1.41 -24.17
CA GLY B 31 -9.68 -2.30 -23.54
C GLY B 31 -10.30 -1.68 -22.30
N HIS B 32 -10.68 -2.51 -21.35
CA HIS B 32 -11.52 -2.05 -20.24
C HIS B 32 -11.02 -2.54 -18.90
N PRO B 33 -10.95 -1.63 -17.92
CA PRO B 33 -10.44 -2.06 -16.60
C PRO B 33 -11.32 -3.15 -16.03
N PRO B 34 -10.76 -3.98 -15.15
CA PRO B 34 -11.62 -4.91 -14.42
C PRO B 34 -12.58 -4.12 -13.54
N THR B 35 -13.62 -4.78 -13.04
CA THR B 35 -14.65 -4.10 -12.26
C THR B 35 -14.16 -3.82 -10.84
N HIS B 36 -13.33 -4.71 -10.31
CA HIS B 36 -12.69 -4.50 -9.02
C HIS B 36 -11.25 -4.94 -9.08
N PHE B 37 -10.43 -4.29 -8.27
CA PHE B 37 -9.05 -4.67 -8.10
C PHE B 37 -8.89 -5.31 -6.73
N LYS B 38 -8.95 -6.63 -6.70
CA LYS B 38 -8.91 -7.36 -5.44
C LYS B 38 -7.47 -7.58 -4.98
N SER B 39 -6.51 -7.53 -5.92
CA SER B 39 -5.12 -7.84 -5.60
C SER B 39 -4.13 -6.75 -6.05
N ALA B 40 -2.88 -6.90 -5.61
CA ALA B 40 -1.81 -6.04 -6.09
C ALA B 40 -0.48 -6.70 -5.82
N VAL B 41 0.57 -6.15 -6.43
CA VAL B 41 1.93 -6.52 -6.07
C VAL B 41 2.58 -5.28 -5.49
N MET B 42 3.14 -5.40 -4.29
CA MET B 42 3.98 -4.34 -3.77
C MET B 42 5.40 -4.60 -4.24
N PHE B 43 5.95 -3.64 -4.98
CA PHE B 43 7.34 -3.71 -5.39
C PHE B 43 8.13 -2.79 -4.48
N SER B 44 9.20 -3.31 -3.89
CA SER B 44 9.99 -2.54 -2.93
C SER B 44 11.47 -2.58 -3.24
N SER B 45 12.17 -1.56 -2.77
CA SER B 45 13.60 -1.42 -3.05
C SER B 45 14.15 -0.22 -2.32
N THR B 46 15.44 -0.26 -2.00
CA THR B 46 16.10 0.90 -1.38
C THR B 46 16.48 1.96 -2.43
N HIS B 47 16.17 1.70 -3.69
CA HIS B 47 16.51 2.62 -4.77
C HIS B 47 15.25 3.22 -5.40
N PRO B 48 14.85 4.42 -4.95
CA PRO B 48 13.58 4.97 -5.42
C PRO B 48 13.56 5.22 -6.93
N TYR B 49 14.70 5.56 -7.52
CA TYR B 49 14.79 5.81 -8.97
C TYR B 49 14.33 4.60 -9.79
N THR B 50 14.62 3.41 -9.29
CA THR B 50 14.26 2.18 -9.99
C THR B 50 12.76 1.93 -9.88
N LEU B 51 12.22 2.08 -8.68
CA LEU B 51 10.79 1.92 -8.49
C LEU B 51 10.03 2.94 -9.31
N ASN B 52 10.61 4.11 -9.48
CA ASN B 52 9.96 5.13 -10.29
C ASN B 52 9.90 4.69 -11.74
N LYS B 53 10.97 4.08 -12.22
CA LYS B 53 10.91 3.45 -13.53
C LYS B 53 9.72 2.49 -13.61
N LEU B 54 9.54 1.68 -12.57
CA LEU B 54 8.42 0.74 -12.55
C LEU B 54 7.08 1.46 -12.54
N HIS B 55 7.00 2.58 -11.84
CA HIS B 55 5.75 3.33 -11.75
C HIS B 55 5.36 3.80 -13.14
N LYS B 56 6.35 4.21 -13.91
CA LYS B 56 6.09 4.65 -15.28
C LYS B 56 5.70 3.50 -16.20
N CYS B 57 6.37 2.37 -16.06
CA CYS B 57 6.15 1.26 -16.99
C CYS B 57 4.94 0.39 -16.66
N ILE B 58 4.69 0.17 -15.37
CA ILE B 58 3.63 -0.73 -14.97
C ILE B 58 2.29 0.01 -14.89
N GLN B 59 1.79 0.39 -16.06
CA GLN B 59 0.50 1.05 -16.18
C GLN B 59 -0.22 0.51 -17.41
N SER B 60 -1.51 0.24 -17.29
CA SER B 60 -2.35 -0.12 -18.43
C SER B 60 -3.81 -0.03 -18.03
N LYS B 61 -4.68 -0.67 -18.82
CA LYS B 61 -6.09 -0.76 -18.48
C LYS B 61 -6.32 -1.75 -17.35
N HIS B 62 -5.43 -2.73 -17.21
CA HIS B 62 -5.65 -3.83 -16.29
C HIS B 62 -4.69 -3.83 -15.11
N VAL B 63 -3.81 -2.83 -15.06
CA VAL B 63 -2.82 -2.73 -14.00
C VAL B 63 -2.56 -1.26 -13.74
N LEU B 64 -2.85 -0.84 -12.52
CA LEU B 64 -2.66 0.55 -12.14
C LEU B 64 -1.67 0.61 -10.98
N SER B 65 -0.70 1.50 -11.10
CA SER B 65 0.34 1.59 -10.10
C SER B 65 0.41 2.95 -9.44
N THR B 66 0.54 2.93 -8.13
CA THR B 66 0.74 4.14 -7.34
C THR B 66 2.06 4.79 -7.71
N PRO B 67 2.23 6.05 -7.28
CA PRO B 67 3.56 6.64 -7.24
C PRO B 67 4.43 5.91 -6.21
N VAL B 68 5.72 6.20 -6.21
CA VAL B 68 6.63 5.61 -5.24
C VAL B 68 6.49 6.38 -3.93
N SER B 69 6.36 5.64 -2.84
CA SER B 69 6.39 6.22 -1.50
C SER B 69 7.38 5.42 -0.63
N CYS B 70 7.28 5.55 0.69
CA CYS B 70 8.26 4.97 1.61
C CYS B 70 7.57 4.08 2.61
N LEU B 71 8.26 3.02 3.05
CA LEU B 71 7.76 2.23 4.16
C LEU B 71 8.29 2.85 5.45
N PRO B 72 7.54 2.72 6.54
CA PRO B 72 7.99 3.25 7.82
C PRO B 72 9.14 2.44 8.38
N LEU B 73 10.02 3.06 9.13
CA LEU B 73 11.09 2.34 9.79
C LEU B 73 10.52 1.55 10.95
N VAL B 74 11.12 0.39 11.20
CA VAL B 74 10.69 -0.48 12.30
C VAL B 74 11.55 -0.18 13.51
N PRO B 75 10.92 0.24 14.61
CA PRO B 75 11.71 0.56 15.79
C PRO B 75 12.48 -0.66 16.28
N GLY B 76 13.68 -0.44 16.78
CA GLY B 76 14.48 -1.52 17.35
C GLY B 76 15.25 -2.28 16.29
N THR B 77 15.30 -1.73 15.09
CA THR B 77 16.24 -2.20 14.08
C THR B 77 17.09 -1.00 13.70
N THR B 78 18.17 -1.26 12.97
CA THR B 78 19.17 -0.24 12.67
C THR B 78 19.19 0.04 11.18
N GLN B 79 18.02 0.18 10.58
CA GLN B 79 17.95 0.31 9.14
C GLN B 79 18.81 1.50 8.78
N GLN B 80 19.54 1.40 7.70
CA GLN B 80 20.50 2.41 7.34
C GLN B 80 19.95 3.22 6.21
N CYS B 81 18.73 2.89 5.83
CA CYS B 81 18.19 3.24 4.53
C CYS B 81 16.69 3.05 4.50
N VAL B 82 16.02 3.98 3.84
CA VAL B 82 14.60 3.86 3.62
C VAL B 82 14.34 2.82 2.56
N THR B 83 13.34 1.97 2.81
CA THR B 83 12.84 1.08 1.77
C THR B 83 11.65 1.74 1.14
N TYR B 84 11.75 2.02 -0.16
CA TYR B 84 10.64 2.57 -0.92
C TYR B 84 9.77 1.44 -1.49
N TYR B 85 8.56 1.80 -1.92
CA TYR B 85 7.63 0.82 -2.45
C TYR B 85 6.64 1.51 -3.36
N LEU B 86 5.99 0.71 -4.20
CA LEU B 86 4.77 1.11 -4.87
C LEU B 86 3.86 -0.10 -4.91
N LEU B 87 2.59 0.15 -5.26
CA LEU B 87 1.59 -0.90 -5.40
C LEU B 87 1.09 -0.90 -6.83
N SER B 88 0.96 -2.09 -7.40
CA SER B 88 0.39 -2.26 -8.72
C SER B 88 -0.85 -3.08 -8.53
N PHE B 89 -1.99 -2.43 -8.74
CA PHE B 89 -3.27 -3.07 -8.55
C PHE B 89 -3.68 -3.86 -9.77
N VAL B 90 -4.23 -5.05 -9.52
CA VAL B 90 -4.76 -5.90 -10.58
C VAL B 90 -6.06 -6.57 -10.13
N GLU B 91 -6.75 -7.19 -11.07
CA GLU B 91 -8.07 -7.76 -10.82
C GLU B 91 -8.09 -8.76 -9.66
N ASP B 92 -7.17 -9.71 -9.68
CA ASP B 92 -7.24 -10.83 -8.75
C ASP B 92 -5.89 -11.50 -8.51
N LYS B 93 -5.91 -12.63 -7.78
CA LYS B 93 -4.72 -13.35 -7.38
C LYS B 93 -4.00 -13.90 -8.63
N LYS B 94 -4.75 -14.38 -9.63
CA LYS B 94 -4.15 -14.94 -10.86
C LYS B 94 -3.25 -13.87 -11.47
N GLN B 95 -3.84 -12.71 -11.69
CA GLN B 95 -3.14 -11.62 -12.38
C GLN B 95 -1.96 -11.11 -11.57
N ALA B 96 -2.08 -11.11 -10.25
CA ALA B 96 -1.00 -10.65 -9.40
C ALA B 96 0.22 -11.57 -9.46
N LYS B 97 -0.03 -12.88 -9.49
CA LYS B 97 1.05 -13.86 -9.58
C LYS B 97 1.80 -13.64 -10.88
N LYS B 98 1.03 -13.44 -11.94
CA LYS B 98 1.61 -13.24 -13.26
C LYS B 98 2.44 -11.95 -13.34
N LEU B 99 1.91 -10.86 -12.80
CA LEU B 99 2.57 -9.56 -12.87
C LEU B 99 3.90 -9.64 -12.16
N LYS B 100 3.89 -10.27 -10.99
CA LYS B 100 5.09 -10.40 -10.20
C LYS B 100 6.12 -11.22 -10.96
N ARG B 101 5.70 -12.33 -11.53
CA ARG B 101 6.58 -13.19 -12.31
C ARG B 101 7.32 -12.44 -13.43
N VAL B 102 6.56 -11.72 -14.24
CA VAL B 102 7.08 -11.03 -15.41
C VAL B 102 8.03 -9.87 -15.00
N VAL B 103 7.54 -9.00 -14.14
CA VAL B 103 8.32 -7.86 -13.69
C VAL B 103 9.64 -8.31 -13.05
N LEU B 104 9.59 -9.38 -12.26
CA LEU B 104 10.78 -9.80 -11.53
C LEU B 104 11.76 -10.57 -12.41
N ALA B 105 11.26 -11.25 -13.43
CA ALA B 105 12.15 -11.88 -14.40
C ALA B 105 13.02 -10.80 -15.04
N TYR B 106 12.41 -9.72 -15.44
CA TYR B 106 13.18 -8.60 -15.93
C TYR B 106 14.15 -8.05 -14.90
N CYS B 107 13.65 -7.72 -13.73
CA CYS B 107 14.42 -7.01 -12.73
C CYS B 107 15.58 -7.84 -12.22
N GLU B 108 15.41 -9.16 -12.30
CA GLU B 108 16.42 -10.11 -11.85
C GLU B 108 17.74 -9.89 -12.54
N LYS B 109 17.65 -9.48 -13.79
CA LYS B 109 18.81 -9.19 -14.60
C LYS B 109 19.24 -7.74 -14.57
N TYR B 110 18.29 -6.83 -14.59
CA TYR B 110 18.60 -5.39 -14.70
C TYR B 110 18.35 -4.55 -13.44
N HIS B 111 17.64 -5.12 -12.46
CA HIS B 111 17.32 -4.40 -11.22
C HIS B 111 17.19 -5.36 -10.04
N SER B 112 18.31 -5.88 -9.58
CA SER B 112 18.32 -6.90 -8.55
C SER B 112 17.90 -6.35 -7.17
N SER B 113 17.82 -5.03 -7.03
CA SER B 113 17.39 -4.44 -5.76
C SER B 113 15.89 -4.58 -5.55
N VAL B 114 15.18 -5.04 -6.56
CA VAL B 114 13.71 -5.03 -6.53
C VAL B 114 13.10 -6.34 -6.04
N GLU B 115 12.19 -6.20 -5.08
CA GLU B 115 11.44 -7.32 -4.55
C GLU B 115 9.94 -7.10 -4.79
N GLY B 116 9.19 -8.18 -4.85
CA GLY B 116 7.77 -8.10 -5.09
C GLY B 116 7.06 -8.97 -4.08
N THR B 117 5.91 -8.49 -3.59
CA THR B 117 5.16 -9.19 -2.57
C THR B 117 3.70 -9.17 -3.00
N ILE B 118 3.07 -10.34 -3.02
CA ILE B 118 1.66 -10.42 -3.37
C ILE B 118 0.82 -9.89 -2.21
N VAL B 119 -0.20 -9.11 -2.54
CA VAL B 119 -1.03 -8.44 -1.57
C VAL B 119 -2.49 -8.59 -1.99
N LYS B 120 -3.39 -8.63 -1.02
CA LYS B 120 -4.81 -8.82 -1.30
C LYS B 120 -5.66 -7.96 -0.37
N ALA B 121 -6.81 -7.51 -0.88
CA ALA B 121 -7.74 -6.65 -0.16
C ALA B 121 -9.11 -7.29 -0.05
N LYS B 122 -9.79 -7.06 1.06
CA LYS B 122 -11.15 -7.56 1.29
C LYS B 122 -12.01 -6.30 1.47
N PRO B 123 -13.08 -6.15 0.65
CA PRO B 123 -13.40 -7.05 -0.46
C PRO B 123 -12.55 -6.76 -1.70
N TYR B 124 -11.98 -5.56 -1.78
CA TYR B 124 -11.12 -5.15 -2.89
C TYR B 124 -10.56 -3.76 -2.55
N PHE B 125 -9.61 -3.30 -3.34
CA PHE B 125 -9.00 -2.03 -3.11
C PHE B 125 -9.94 -0.89 -3.41
N PRO B 126 -9.79 0.21 -2.70
CA PRO B 126 -10.72 1.32 -2.82
C PRO B 126 -10.51 2.21 -4.04
N LEU B 127 -10.60 1.65 -5.22
CA LEU B 127 -10.58 2.42 -6.43
C LEU B 127 -11.99 2.52 -6.99
N PRO B 128 -12.36 3.76 -7.55
CA PRO B 128 -13.75 3.81 -8.06
C PRO B 128 -14.15 2.71 -9.00
N GLU B 129 -15.45 2.57 -9.27
CA GLU B 129 -15.91 1.60 -10.24
C GLU B 129 -16.41 2.27 -11.51
P PO4 C . -13.07 14.73 6.71
O1 PO4 C . -14.09 15.57 6.01
O2 PO4 C . -11.78 14.82 5.94
O3 PO4 C . -12.85 15.27 8.09
O4 PO4 C . -13.50 13.28 6.74
P PO4 D . -5.88 -3.56 22.95
O1 PO4 D . -7.29 -3.11 23.21
O2 PO4 D . -5.25 -2.72 21.86
O3 PO4 D . -5.01 -3.43 24.16
O4 PO4 D . -5.91 -5.00 22.49
P PO4 E . -7.61 16.07 17.54
O1 PO4 E . -8.71 15.32 16.82
O2 PO4 E . -6.40 15.17 17.66
O3 PO4 E . -7.24 17.30 16.75
O4 PO4 E . -8.09 16.46 18.91
P PO4 F . -0.99 -12.65 -20.52
O1 PO4 F . -1.62 -11.33 -20.90
O2 PO4 F . -0.38 -13.30 -21.73
O3 PO4 F . 0.13 -12.40 -19.55
O4 PO4 F . -2.04 -13.52 -19.89
P PO4 G . 10.67 10.66 -14.79
O1 PO4 G . 9.94 10.70 -13.47
O2 PO4 G . 9.94 11.56 -15.76
O3 PO4 G . 12.10 11.16 -14.61
O4 PO4 G . 10.72 9.25 -15.32
P PO4 H . 14.83 -0.01 -20.30
O1 PO4 H . 13.42 0.45 -20.44
O2 PO4 H . 15.38 -0.54 -21.57
O3 PO4 H . 15.67 1.12 -19.84
O4 PO4 H . 14.94 -1.09 -19.30
P PO4 I . 18.96 -1.47 -9.14
O1 PO4 I . 18.96 -1.32 -10.65
O2 PO4 I . 20.38 -1.55 -8.61
O3 PO4 I . 18.28 -0.27 -8.56
O4 PO4 I . 18.20 -2.70 -8.73
#